data_7JY0
#
_entry.id   7JY0
#
_cell.length_a   54.230
_cell.length_b   82.520
_cell.length_c   63.750
_cell.angle_alpha   90.000
_cell.angle_beta   100.170
_cell.angle_gamma   90.000
#
_symmetry.space_group_name_H-M   'P 1 21 1'
#
loop_
_entity.id
_entity.type
_entity.pdbx_description
1 polymer 'Hemoglobin subunit alpha'
2 polymer 'Hemoglobin subunit beta'
3 non-polymer 'PROTOPORPHYRIN IX CONTAINING FE'
4 non-polymer 'CARBON MONOXIDE'
5 non-polymer 1,4,7,10,13,16-HEXAOXACYCLOOCTADECANE
6 non-polymer 2-amino-3-{(1S)-1-[5-fluoro-2-(1H-pyrazol-1-yl)phenyl]ethoxy}quinoline-6-carboxamide
7 water water
#
loop_
_entity_poly.entity_id
_entity_poly.type
_entity_poly.pdbx_seq_one_letter_code
_entity_poly.pdbx_strand_id
1 'polypeptide(L)'
;VLSPADKTNVKAAWGKVGAHAGEYGAEALERMFLSFPTTKTYFPHFDLSHGSAQVKGHGKKVADALTNAVAHVDDMPNAL
SALSDLHAHKLRVDPVNFKLLSHCLLVTLAAHLPAEFTPAVHASLDKFLASVSTVLTSKYR
;
A,C
2 'polypeptide(L)'
;VHLTPEEKSAVTALWGKVNVDEVGGEALGRLLVVYPWTQRFFESFGDLSTPDAVMGNPKVKAHGKKVLGAFSDGLAHLDN
LKGTFATLSELHCDKLHVDPENFRLLGNVLVCVLAHHFGKEFTPPVQAAYQKVVAGVANALAHKYH
;
B,D
#
# COMPACT_ATOMS: atom_id res chain seq x y z
N VAL A 1 -2.21 7.47 12.76
CA VAL A 1 -2.53 8.21 14.00
C VAL A 1 -1.28 8.97 14.47
N LEU A 2 -1.37 10.31 14.56
CA LEU A 2 -0.25 11.14 14.99
C LEU A 2 -0.08 11.20 16.52
N SER A 3 1.16 11.10 16.94
CA SER A 3 1.50 11.24 18.34
C SER A 3 1.56 12.76 18.70
N PRO A 4 1.53 13.14 19.99
CA PRO A 4 1.72 14.55 20.35
C PRO A 4 3.06 15.11 19.81
N ALA A 5 4.17 14.30 19.89
CA ALA A 5 5.47 14.70 19.35
C ALA A 5 5.40 14.93 17.84
N ASP A 6 4.64 14.06 17.12
CA ASP A 6 4.47 14.17 15.65
C ASP A 6 3.88 15.53 15.32
N LYS A 7 2.85 15.94 16.07
CA LYS A 7 2.17 17.22 15.84
C LYS A 7 3.13 18.40 16.04
N THR A 8 3.92 18.38 17.15
CA THR A 8 4.93 19.42 17.43
C THR A 8 5.96 19.51 16.29
N ASN A 9 6.44 18.34 15.82
CA ASN A 9 7.46 18.25 14.75
C ASN A 9 6.94 18.83 13.45
N VAL A 10 5.70 18.45 13.09
CA VAL A 10 5.05 18.92 11.86
C VAL A 10 4.82 20.44 11.92
N LYS A 11 4.25 20.94 13.04
CA LYS A 11 4.06 22.37 13.20
C LYS A 11 5.37 23.14 13.03
N ALA A 12 6.46 22.66 13.69
CA ALA A 12 7.76 23.33 13.60
C ALA A 12 8.41 23.27 12.21
N ALA A 13 8.40 22.10 11.57
CA ALA A 13 9.06 21.91 10.27
C ALA A 13 8.32 22.66 9.17
N TRP A 14 7.00 22.47 9.09
CA TRP A 14 6.20 23.17 8.08
C TRP A 14 6.16 24.69 8.31
N GLY A 15 6.29 25.12 9.57
CA GLY A 15 6.38 26.52 9.94
C GLY A 15 7.62 27.21 9.36
N LYS A 16 8.71 26.44 9.14
CA LYS A 16 9.95 26.97 8.53
C LYS A 16 9.80 27.25 7.05
N VAL A 17 8.80 26.64 6.39
CA VAL A 17 8.50 26.87 4.98
C VAL A 17 8.03 28.32 4.77
N GLY A 18 7.09 28.77 5.60
CA GLY A 18 6.56 30.13 5.57
C GLY A 18 6.26 30.67 4.18
N ALA A 19 6.97 31.75 3.78
CA ALA A 19 6.80 32.38 2.47
C ALA A 19 7.32 31.54 1.30
N HIS A 20 8.15 30.49 1.57
CA HIS A 20 8.69 29.57 0.56
C HIS A 20 7.59 28.58 0.11
N ALA A 21 6.40 28.60 0.77
CA ALA A 21 5.27 27.69 0.56
C ALA A 21 5.07 27.28 -0.90
N GLY A 22 4.76 28.26 -1.74
CA GLY A 22 4.55 28.10 -3.17
C GLY A 22 5.73 27.52 -3.91
N GLU A 23 6.96 27.93 -3.53
CA GLU A 23 8.15 27.42 -4.17
C GLU A 23 8.36 25.93 -3.88
N TYR A 24 8.16 25.51 -2.61
CA TYR A 24 8.30 24.10 -2.24
C TYR A 24 7.19 23.26 -2.89
N GLY A 25 5.95 23.77 -2.85
CA GLY A 25 4.80 23.12 -3.49
C GLY A 25 5.00 22.92 -4.98
N ALA A 26 5.48 23.99 -5.69
CA ALA A 26 5.74 23.92 -7.15
C ALA A 26 6.87 22.92 -7.46
N GLU A 27 7.93 22.94 -6.65
CA GLU A 27 9.05 22.01 -6.88
C GLU A 27 8.63 20.54 -6.68
N ALA A 28 7.82 20.27 -5.64
CA ALA A 28 7.30 18.93 -5.37
C ALA A 28 6.47 18.41 -6.57
N LEU A 29 5.62 19.27 -7.15
CA LEU A 29 4.85 18.91 -8.34
C LEU A 29 5.74 18.62 -9.52
N GLU A 30 6.73 19.51 -9.77
CA GLU A 30 7.72 19.37 -10.85
C GLU A 30 8.45 18.03 -10.70
N ARG A 31 8.91 17.72 -9.48
CA ARG A 31 9.58 16.46 -9.23
C ARG A 31 8.67 15.27 -9.52
N MET A 32 7.40 15.39 -9.11
CA MET A 32 6.42 14.32 -9.34
C MET A 32 6.18 14.08 -10.84
N PHE A 33 5.88 15.16 -11.61
CA PHE A 33 5.59 14.97 -13.04
C PHE A 33 6.77 14.39 -13.79
N LEU A 34 8.01 14.76 -13.41
CA LEU A 34 9.19 14.25 -14.10
C LEU A 34 9.53 12.81 -13.70
N SER A 35 9.48 12.50 -12.39
CA SER A 35 9.83 11.18 -11.86
C SER A 35 8.78 10.12 -12.14
N PHE A 36 7.48 10.51 -12.15
CA PHE A 36 6.36 9.57 -12.29
C PHE A 36 5.43 10.16 -13.33
N PRO A 37 5.76 9.98 -14.62
CA PRO A 37 4.99 10.64 -15.69
C PRO A 37 3.51 10.34 -15.78
N THR A 38 3.05 9.20 -15.25
CA THR A 38 1.62 8.85 -15.28
C THR A 38 0.79 9.86 -14.49
N THR A 39 1.42 10.56 -13.51
CA THR A 39 0.74 11.61 -12.72
C THR A 39 0.29 12.79 -13.60
N LYS A 40 0.97 13.00 -14.75
CA LYS A 40 0.60 14.05 -15.69
C LYS A 40 -0.82 13.86 -16.26
N THR A 41 -1.33 12.61 -16.26
CA THR A 41 -2.65 12.31 -16.86
C THR A 41 -3.82 12.95 -16.11
N TYR A 42 -3.58 13.40 -14.87
CA TYR A 42 -4.59 14.14 -14.10
C TYR A 42 -4.64 15.62 -14.46
N PHE A 43 -3.62 16.12 -15.19
CA PHE A 43 -3.51 17.54 -15.54
C PHE A 43 -3.39 17.77 -17.05
N PRO A 44 -4.32 17.24 -17.88
CA PRO A 44 -4.20 17.44 -19.34
C PRO A 44 -4.36 18.89 -19.78
N HIS A 45 -5.06 19.69 -18.97
CA HIS A 45 -5.33 21.10 -19.23
C HIS A 45 -4.21 22.02 -18.75
N PHE A 46 -3.15 21.46 -18.15
CA PHE A 46 -2.07 22.29 -17.66
C PHE A 46 -0.92 22.43 -18.60
N ASP A 47 -0.30 23.60 -18.58
CA ASP A 47 0.98 23.81 -19.25
C ASP A 47 1.96 23.24 -18.17
N LEU A 48 2.71 22.17 -18.50
CA LEU A 48 3.64 21.49 -17.58
C LEU A 48 5.12 21.68 -17.92
N SER A 49 5.42 22.67 -18.77
CA SER A 49 6.81 22.99 -19.16
C SER A 49 7.53 23.65 -17.96
N HIS A 50 8.89 23.67 -17.93
CA HIS A 50 9.62 24.28 -16.80
C HIS A 50 9.28 25.77 -16.65
N GLY A 51 9.12 26.20 -15.40
CA GLY A 51 8.78 27.57 -15.05
C GLY A 51 7.36 27.96 -15.40
N SER A 52 6.49 26.96 -15.62
CA SER A 52 5.07 27.14 -15.95
C SER A 52 4.41 27.93 -14.83
N ALA A 53 3.67 29.01 -15.19
CA ALA A 53 2.96 29.85 -14.22
C ALA A 53 1.83 29.05 -13.58
N GLN A 54 1.24 28.12 -14.35
CA GLN A 54 0.16 27.24 -13.92
C GLN A 54 0.64 26.26 -12.84
N VAL A 55 1.85 25.68 -13.02
CA VAL A 55 2.41 24.76 -12.01
C VAL A 55 2.74 25.58 -10.74
N LYS A 56 3.27 26.80 -10.93
CA LYS A 56 3.61 27.70 -9.82
C LYS A 56 2.37 28.07 -8.99
N GLY A 57 1.27 28.42 -9.66
CA GLY A 57 0.01 28.77 -9.01
C GLY A 57 -0.56 27.57 -8.28
N HIS A 58 -0.51 26.39 -8.94
CA HIS A 58 -0.99 25.14 -8.33
C HIS A 58 -0.17 24.73 -7.11
N GLY A 59 1.15 24.89 -7.18
CA GLY A 59 2.07 24.58 -6.09
C GLY A 59 1.74 25.38 -4.84
N LYS A 60 1.38 26.66 -5.03
CA LYS A 60 0.95 27.55 -3.93
C LYS A 60 -0.34 27.04 -3.29
N LYS A 61 -1.33 26.62 -4.12
CA LYS A 61 -2.61 26.09 -3.63
C LYS A 61 -2.40 24.81 -2.80
N VAL A 62 -1.54 23.89 -3.29
CA VAL A 62 -1.25 22.63 -2.58
CA VAL A 62 -1.30 22.64 -2.55
C VAL A 62 -0.59 22.92 -1.22
N ALA A 63 0.45 23.79 -1.22
CA ALA A 63 1.21 24.13 -0.02
C ALA A 63 0.30 24.84 0.99
N ASP A 64 -0.57 25.74 0.51
CA ASP A 64 -1.52 26.47 1.38
C ASP A 64 -2.57 25.52 1.98
N ALA A 65 -2.93 24.45 1.25
CA ALA A 65 -3.86 23.44 1.76
C ALA A 65 -3.18 22.66 2.89
N LEU A 66 -1.87 22.38 2.76
CA LEU A 66 -1.11 21.68 3.81
C LEU A 66 -0.95 22.58 5.05
N THR A 67 -0.74 23.87 4.84
CA THR A 67 -0.67 24.83 5.94
C THR A 67 -2.00 24.80 6.70
N ASN A 68 -3.14 24.75 5.96
CA ASN A 68 -4.48 24.72 6.56
C ASN A 68 -4.68 23.41 7.34
N ALA A 69 -4.20 22.28 6.77
CA ALA A 69 -4.27 20.98 7.43
C ALA A 69 -3.49 21.03 8.76
N VAL A 70 -2.29 21.67 8.78
CA VAL A 70 -1.46 21.82 10.01
C VAL A 70 -2.23 22.64 11.06
N ALA A 71 -2.91 23.73 10.61
CA ALA A 71 -3.72 24.60 11.46
C ALA A 71 -4.94 23.90 12.07
N HIS A 72 -5.36 22.75 11.48
CA HIS A 72 -6.51 21.96 11.94
C HIS A 72 -6.11 20.49 12.07
N VAL A 73 -4.87 20.21 12.55
CA VAL A 73 -4.30 18.84 12.56
C VAL A 73 -5.17 17.83 13.36
N ASP A 74 -5.95 18.26 14.34
CA ASP A 74 -6.82 17.35 15.09
C ASP A 74 -8.25 17.26 14.52
N ASP A 75 -8.54 18.00 13.42
CA ASP A 75 -9.86 18.06 12.82
C ASP A 75 -9.74 18.10 11.28
N MET A 76 -8.82 17.27 10.73
CA MET A 76 -8.58 17.23 9.28
C MET A 76 -9.80 16.73 8.47
N PRO A 77 -10.56 15.69 8.84
CA PRO A 77 -11.74 15.33 8.01
C PRO A 77 -12.71 16.50 7.80
N ASN A 78 -12.99 17.27 8.88
CA ASN A 78 -13.86 18.42 8.76
C ASN A 78 -13.24 19.57 7.95
N ALA A 79 -11.99 19.94 8.28
CA ALA A 79 -11.26 21.03 7.63
C ALA A 79 -10.98 20.80 6.14
N LEU A 80 -10.74 19.54 5.76
CA LEU A 80 -10.40 19.20 4.38
C LEU A 80 -11.55 18.60 3.57
N SER A 81 -12.78 18.65 4.11
CA SER A 81 -13.99 18.10 3.47
CA SER A 81 -13.98 18.09 3.48
C SER A 81 -14.16 18.49 1.99
N ALA A 82 -13.98 19.79 1.65
CA ALA A 82 -14.12 20.23 0.25
C ALA A 82 -13.02 19.62 -0.66
N LEU A 83 -11.79 19.54 -0.15
CA LEU A 83 -10.69 18.97 -0.93
C LEU A 83 -10.89 17.47 -1.12
N SER A 84 -11.50 16.82 -0.11
CA SER A 84 -11.83 15.40 -0.16
CA SER A 84 -11.83 15.40 -0.16
C SER A 84 -12.87 15.16 -1.25
N ASP A 85 -13.92 16.03 -1.32
CA ASP A 85 -14.93 15.89 -2.38
CA ASP A 85 -14.95 15.93 -2.36
C ASP A 85 -14.31 16.06 -3.76
N LEU A 86 -13.31 16.94 -3.89
CA LEU A 86 -12.61 17.17 -5.14
C LEU A 86 -11.77 15.95 -5.57
N HIS A 87 -10.91 15.45 -4.68
CA HIS A 87 -10.00 14.38 -5.03
C HIS A 87 -10.63 12.99 -5.06
N ALA A 88 -11.57 12.72 -4.17
CA ALA A 88 -12.20 11.41 -4.11
C ALA A 88 -13.39 11.28 -5.04
N HIS A 89 -14.39 12.17 -4.92
CA HIS A 89 -15.59 12.07 -5.74
C HIS A 89 -15.42 12.61 -7.15
N LYS A 90 -14.82 13.79 -7.30
CA LYS A 90 -14.76 14.38 -8.64
C LYS A 90 -13.62 13.85 -9.50
N LEU A 91 -12.37 13.98 -9.02
CA LEU A 91 -11.18 13.63 -9.78
C LEU A 91 -10.85 12.14 -9.73
N ARG A 92 -11.30 11.44 -8.68
CA ARG A 92 -11.07 10.00 -8.52
C ARG A 92 -9.58 9.65 -8.58
N VAL A 93 -8.75 10.43 -7.87
CA VAL A 93 -7.29 10.22 -7.87
C VAL A 93 -6.93 8.88 -7.24
N ASP A 94 -6.14 8.06 -7.94
CA ASP A 94 -5.72 6.78 -7.36
C ASP A 94 -4.81 7.09 -6.14
N PRO A 95 -5.06 6.45 -4.98
CA PRO A 95 -4.22 6.70 -3.80
C PRO A 95 -2.70 6.58 -4.02
N VAL A 96 -2.24 5.77 -5.01
CA VAL A 96 -0.79 5.67 -5.28
C VAL A 96 -0.18 7.04 -5.56
N ASN A 97 -0.94 7.91 -6.25
CA ASN A 97 -0.44 9.23 -6.65
C ASN A 97 -0.16 10.11 -5.43
N PHE A 98 -0.92 9.93 -4.35
CA PHE A 98 -0.69 10.67 -3.12
C PHE A 98 0.62 10.23 -2.46
N LYS A 99 1.00 8.94 -2.57
CA LYS A 99 2.26 8.44 -2.06
C LYS A 99 3.40 9.10 -2.84
N LEU A 100 3.21 9.25 -4.16
CA LEU A 100 4.22 9.84 -5.03
C LEU A 100 4.41 11.31 -4.72
N LEU A 101 3.30 12.07 -4.59
CA LEU A 101 3.47 13.49 -4.28
C LEU A 101 4.07 13.67 -2.87
N SER A 102 3.61 12.86 -1.89
CA SER A 102 4.10 12.95 -0.52
C SER A 102 5.62 12.73 -0.50
N HIS A 103 6.09 11.71 -1.25
CA HIS A 103 7.51 11.41 -1.37
C HIS A 103 8.24 12.61 -1.99
N CYS A 104 7.67 13.21 -3.07
CA CYS A 104 8.32 14.35 -3.69
C CYS A 104 8.40 15.57 -2.80
N LEU A 105 7.41 15.75 -1.92
CA LEU A 105 7.42 16.84 -0.94
CA LEU A 105 7.48 16.86 -0.97
C LEU A 105 8.57 16.59 0.05
N LEU A 106 8.73 15.32 0.52
CA LEU A 106 9.81 15.01 1.46
C LEU A 106 11.17 15.25 0.82
N VAL A 107 11.33 14.85 -0.46
CA VAL A 107 12.58 15.10 -1.17
C VAL A 107 12.88 16.60 -1.24
N THR A 108 11.84 17.42 -1.53
CA THR A 108 11.98 18.88 -1.63
C THR A 108 12.45 19.47 -0.29
N LEU A 109 11.83 19.02 0.80
CA LEU A 109 12.17 19.47 2.15
C LEU A 109 13.58 19.05 2.55
N ALA A 110 13.98 17.83 2.18
CA ALA A 110 15.31 17.33 2.47
C ALA A 110 16.38 18.14 1.73
N ALA A 111 16.11 18.48 0.45
CA ALA A 111 17.08 19.24 -0.35
C ALA A 111 17.23 20.70 0.10
N HIS A 112 16.14 21.35 0.51
CA HIS A 112 16.16 22.78 0.81
C HIS A 112 16.12 23.17 2.28
N LEU A 113 15.69 22.28 3.17
CA LEU A 113 15.71 22.56 4.62
C LEU A 113 16.45 21.41 5.33
N PRO A 114 17.75 21.15 5.00
CA PRO A 114 18.45 20.00 5.60
C PRO A 114 18.52 19.99 7.12
N ALA A 115 18.68 21.17 7.75
CA ALA A 115 18.79 21.26 9.21
C ALA A 115 17.50 20.84 9.91
N GLU A 116 16.36 21.01 9.22
CA GLU A 116 15.04 20.68 9.76
C GLU A 116 14.68 19.22 9.52
N PHE A 117 15.22 18.63 8.45
CA PHE A 117 14.86 17.28 8.02
C PHE A 117 15.61 16.17 8.78
N THR A 118 15.43 16.11 10.08
CA THR A 118 16.06 15.08 10.91
C THR A 118 15.26 13.77 10.77
N PRO A 119 15.79 12.60 11.19
CA PRO A 119 15.01 11.36 11.10
C PRO A 119 13.65 11.45 11.84
N ALA A 120 13.63 12.03 13.05
CA ALA A 120 12.37 12.16 13.79
C ALA A 120 11.37 13.03 13.00
N VAL A 121 11.83 14.18 12.44
CA VAL A 121 10.96 15.10 11.70
C VAL A 121 10.49 14.43 10.39
N HIS A 122 11.40 13.73 9.69
CA HIS A 122 11.08 12.95 8.52
C HIS A 122 9.95 11.96 8.84
N ALA A 123 10.04 11.21 9.96
CA ALA A 123 9.00 10.24 10.33
C ALA A 123 7.66 10.96 10.58
N SER A 124 7.69 12.07 11.32
CA SER A 124 6.46 12.81 11.62
C SER A 124 5.80 13.39 10.36
N LEU A 125 6.61 13.96 9.43
CA LEU A 125 6.09 14.52 8.17
C LEU A 125 5.48 13.42 7.31
N ASP A 126 6.14 12.23 7.25
CA ASP A 126 5.62 11.10 6.48
C ASP A 126 4.24 10.67 7.00
N LYS A 127 4.09 10.55 8.34
CA LYS A 127 2.81 10.18 8.94
C LYS A 127 1.75 11.28 8.64
N PHE A 128 2.11 12.57 8.78
CA PHE A 128 1.19 13.67 8.50
C PHE A 128 0.70 13.64 7.05
N LEU A 129 1.62 13.52 6.08
CA LEU A 129 1.23 13.49 4.67
C LEU A 129 0.39 12.24 4.36
N ALA A 130 0.68 11.08 5.05
CA ALA A 130 -0.14 9.86 4.85
C ALA A 130 -1.56 10.10 5.39
N SER A 131 -1.69 10.78 6.54
CA SER A 131 -3.00 11.09 7.13
CA SER A 131 -3.00 11.08 7.12
C SER A 131 -3.78 12.04 6.21
N VAL A 132 -3.13 13.11 5.70
CA VAL A 132 -3.76 14.05 4.76
C VAL A 132 -4.23 13.26 3.52
N SER A 133 -3.37 12.35 3.00
CA SER A 133 -3.66 11.54 1.82
C SER A 133 -4.92 10.67 2.01
N THR A 134 -5.05 10.00 3.17
CA THR A 134 -6.23 9.17 3.45
C THR A 134 -7.49 10.05 3.47
N VAL A 135 -7.42 11.24 4.09
CA VAL A 135 -8.57 12.15 4.15
C VAL A 135 -8.96 12.53 2.69
N LEU A 136 -7.98 12.94 1.86
CA LEU A 136 -8.28 13.38 0.48
C LEU A 136 -8.81 12.27 -0.45
N THR A 137 -8.49 10.99 -0.16
CA THR A 137 -8.93 9.83 -0.96
C THR A 137 -10.15 9.09 -0.40
N SER A 138 -10.69 9.56 0.72
CA SER A 138 -11.86 8.93 1.35
C SER A 138 -13.15 9.66 1.02
N LYS A 139 -14.25 8.90 0.89
CA LYS A 139 -15.59 9.44 0.64
C LYS A 139 -16.29 9.31 1.99
N TYR A 140 -16.42 10.42 2.73
CA TYR A 140 -16.98 10.34 4.08
C TYR A 140 -18.03 11.39 4.39
N ARG A 141 -18.34 12.28 3.41
CA ARG A 141 -19.25 13.39 3.64
C ARG A 141 -20.64 12.89 3.93
N VAL B 1 16.66 -1.78 -16.45
CA VAL B 1 16.26 -0.38 -16.36
C VAL B 1 16.88 0.40 -17.51
N HIS B 2 16.04 1.13 -18.27
CA HIS B 2 16.55 1.96 -19.35
C HIS B 2 16.80 3.37 -18.86
N LEU B 3 18.06 3.81 -19.02
CA LEU B 3 18.47 5.18 -18.72
C LEU B 3 19.02 5.78 -20.00
N THR B 4 18.72 7.06 -20.25
CA THR B 4 19.22 7.78 -21.43
C THR B 4 20.74 8.05 -21.21
N PRO B 5 21.55 8.35 -22.25
CA PRO B 5 22.98 8.64 -21.99
C PRO B 5 23.16 9.81 -21.03
N GLU B 6 22.27 10.82 -21.11
CA GLU B 6 22.24 12.01 -20.22
C GLU B 6 21.98 11.56 -18.77
N GLU B 7 20.98 10.69 -18.54
CA GLU B 7 20.63 10.20 -17.20
C GLU B 7 21.75 9.36 -16.64
N LYS B 8 22.35 8.47 -17.47
CA LYS B 8 23.47 7.60 -17.06
CA LYS B 8 23.47 7.60 -17.06
C LYS B 8 24.62 8.45 -16.52
N SER B 9 24.95 9.53 -17.25
CA SER B 9 26.02 10.48 -16.93
CA SER B 9 26.03 10.47 -16.93
C SER B 9 25.76 11.20 -15.62
N ALA B 10 24.53 11.68 -15.42
CA ALA B 10 24.12 12.41 -14.21
C ALA B 10 24.11 11.50 -12.97
N VAL B 11 23.60 10.25 -13.14
CA VAL B 11 23.55 9.25 -12.06
C VAL B 11 24.97 8.88 -11.62
N THR B 12 25.85 8.54 -12.59
CA THR B 12 27.25 8.16 -12.36
C THR B 12 28.04 9.26 -11.66
N ALA B 13 27.92 10.52 -12.13
CA ALA B 13 28.63 11.68 -11.56
C ALA B 13 28.25 11.93 -10.10
N LEU B 14 26.95 11.88 -9.76
CA LEU B 14 26.50 12.08 -8.38
CA LEU B 14 26.50 12.08 -8.39
C LEU B 14 26.93 10.91 -7.51
N TRP B 15 26.78 9.66 -8.03
CA TRP B 15 27.14 8.44 -7.28
C TRP B 15 28.61 8.41 -6.85
N GLY B 16 29.48 8.96 -7.70
CA GLY B 16 30.92 9.01 -7.43
C GLY B 16 31.30 9.93 -6.28
N LYS B 17 30.37 10.83 -5.90
CA LYS B 17 30.53 11.81 -4.81
C LYS B 17 29.86 11.36 -3.50
N VAL B 18 29.13 10.24 -3.51
CA VAL B 18 28.42 9.72 -2.34
C VAL B 18 29.42 9.37 -1.21
N ASN B 19 29.11 9.82 0.04
CA ASN B 19 29.93 9.50 1.22
C ASN B 19 29.56 8.05 1.58
N VAL B 20 30.44 7.11 1.23
CA VAL B 20 30.21 5.67 1.39
C VAL B 20 30.13 5.23 2.85
N ASP B 21 30.67 6.03 3.77
CA ASP B 21 30.64 5.68 5.19
C ASP B 21 29.31 6.08 5.84
N GLU B 22 28.58 7.05 5.24
CA GLU B 22 27.39 7.64 5.86
C GLU B 22 26.06 7.36 5.16
N VAL B 23 25.98 7.53 3.83
CA VAL B 23 24.72 7.47 3.08
C VAL B 23 23.91 6.17 3.33
N GLY B 24 24.53 4.99 3.24
CA GLY B 24 23.82 3.73 3.46
C GLY B 24 23.23 3.59 4.85
N GLY B 25 24.04 3.91 5.88
CA GLY B 25 23.62 3.86 7.28
C GLY B 25 22.51 4.85 7.54
N GLU B 26 22.55 6.04 6.89
CA GLU B 26 21.49 7.03 7.06
C GLU B 26 20.19 6.57 6.41
N ALA B 27 20.25 5.88 5.24
CA ALA B 27 19.05 5.34 4.57
C ALA B 27 18.46 4.22 5.41
N LEU B 28 19.31 3.32 5.91
CA LEU B 28 18.82 2.22 6.75
C LEU B 28 18.24 2.77 8.07
N GLY B 29 18.94 3.70 8.69
CA GLY B 29 18.50 4.33 9.94
C GLY B 29 17.15 5.00 9.78
N ARG B 30 17.00 5.76 8.67
CA ARG B 30 15.74 6.43 8.42
C ARG B 30 14.62 5.42 8.15
N LEU B 31 14.91 4.32 7.46
CA LEU B 31 13.90 3.27 7.26
C LEU B 31 13.37 2.80 8.63
N LEU B 32 14.29 2.54 9.57
CA LEU B 32 13.96 2.03 10.89
C LEU B 32 13.14 3.02 11.72
N VAL B 33 13.41 4.34 11.54
CA VAL B 33 12.72 5.39 12.29
C VAL B 33 11.37 5.74 11.64
N VAL B 34 11.34 5.89 10.32
CA VAL B 34 10.15 6.31 9.57
C VAL B 34 9.10 5.18 9.44
N TYR B 35 9.57 3.92 9.30
CA TYR B 35 8.67 2.76 9.15
C TYR B 35 9.05 1.80 10.28
N PRO B 36 8.60 2.09 11.50
CA PRO B 36 9.12 1.37 12.69
C PRO B 36 8.98 -0.14 12.75
N TRP B 37 8.04 -0.71 12.00
CA TRP B 37 7.88 -2.17 12.03
C TRP B 37 9.11 -2.86 11.43
N THR B 38 9.90 -2.13 10.56
CA THR B 38 11.11 -2.68 9.95
C THR B 38 12.16 -3.07 11.03
N GLN B 39 12.06 -2.47 12.24
CA GLN B 39 12.98 -2.79 13.35
C GLN B 39 12.90 -4.27 13.76
N ARG B 40 11.73 -4.91 13.52
CA ARG B 40 11.53 -6.32 13.88
C ARG B 40 12.59 -7.24 13.21
N PHE B 41 13.06 -6.85 12.01
CA PHE B 41 14.04 -7.62 11.24
C PHE B 41 15.48 -7.48 11.76
N PHE B 42 15.74 -6.47 12.61
CA PHE B 42 17.07 -6.12 13.08
C PHE B 42 17.27 -6.17 14.60
N GLU B 43 16.53 -7.06 15.28
CA GLU B 43 16.62 -7.24 16.75
C GLU B 43 18.05 -7.54 17.25
N SER B 44 18.89 -8.18 16.41
CA SER B 44 20.26 -8.51 16.74
C SER B 44 21.18 -7.28 16.81
N PHE B 45 20.72 -6.11 16.32
CA PHE B 45 21.51 -4.88 16.35
C PHE B 45 21.46 -4.21 17.73
N GLY B 46 20.66 -4.73 18.65
CA GLY B 46 20.55 -4.16 19.99
C GLY B 46 19.66 -2.94 20.01
N ASP B 47 20.09 -1.89 20.75
CA ASP B 47 19.32 -0.66 20.97
C ASP B 47 18.94 0.11 19.70
N LEU B 48 17.63 0.15 19.43
CA LEU B 48 17.01 0.91 18.34
C LEU B 48 15.77 1.66 18.88
N SER B 49 15.73 1.88 20.20
CA SER B 49 14.62 2.46 20.95
C SER B 49 14.35 3.94 20.71
N THR B 50 15.34 4.69 20.21
CA THR B 50 15.14 6.13 19.91
C THR B 50 15.76 6.45 18.53
N PRO B 51 15.37 7.57 17.87
CA PRO B 51 16.04 7.94 16.62
C PRO B 51 17.56 8.08 16.78
N ASP B 52 18.05 8.78 17.82
CA ASP B 52 19.48 8.93 18.08
C ASP B 52 20.18 7.59 18.28
N ALA B 53 19.54 6.65 19.02
CA ALA B 53 20.06 5.28 19.22
C ALA B 53 20.18 4.56 17.86
N VAL B 54 19.15 4.68 16.98
CA VAL B 54 19.20 4.05 15.64
C VAL B 54 20.33 4.63 14.83
N MET B 55 20.34 5.98 14.65
CA MET B 55 21.30 6.65 13.75
C MET B 55 22.77 6.45 14.15
N GLY B 56 23.05 6.35 15.45
CA GLY B 56 24.40 6.16 15.96
C GLY B 56 24.82 4.71 16.19
N ASN B 57 23.91 3.75 15.91
CA ASN B 57 24.18 2.33 16.11
C ASN B 57 25.22 1.82 15.08
N PRO B 58 26.36 1.23 15.52
CA PRO B 58 27.39 0.78 14.56
C PRO B 58 26.95 -0.33 13.63
N LYS B 59 25.99 -1.17 14.07
CA LYS B 59 25.49 -2.26 13.22
C LYS B 59 24.64 -1.68 12.10
N VAL B 60 23.88 -0.62 12.39
CA VAL B 60 23.08 0.09 11.38
C VAL B 60 24.00 0.71 10.35
N LYS B 61 25.08 1.37 10.82
CA LYS B 61 26.04 2.00 9.91
C LYS B 61 26.75 0.95 9.02
N ALA B 62 27.22 -0.16 9.61
CA ALA B 62 27.93 -1.20 8.84
C ALA B 62 26.99 -1.91 7.85
N HIS B 63 25.79 -2.30 8.31
CA HIS B 63 24.81 -2.94 7.43
C HIS B 63 24.36 -1.98 6.32
N GLY B 64 24.13 -0.70 6.67
CA GLY B 64 23.76 0.32 5.68
C GLY B 64 24.80 0.44 4.57
N LYS B 65 26.09 0.29 4.92
CA LYS B 65 27.19 0.33 3.94
C LYS B 65 27.08 -0.87 2.96
N LYS B 66 26.64 -2.03 3.47
CA LYS B 66 26.46 -3.23 2.63
C LYS B 66 25.27 -3.03 1.69
N VAL B 67 24.16 -2.45 2.21
CA VAL B 67 22.98 -2.12 1.40
C VAL B 67 23.36 -1.14 0.30
N LEU B 68 24.18 -0.10 0.61
CA LEU B 68 24.63 0.87 -0.40
C LEU B 68 25.47 0.15 -1.48
N GLY B 69 26.29 -0.81 -1.04
CA GLY B 69 27.09 -1.62 -1.96
C GLY B 69 26.23 -2.40 -2.95
N ALA B 70 25.10 -2.92 -2.47
CA ALA B 70 24.15 -3.66 -3.30
C ALA B 70 23.44 -2.76 -4.31
N PHE B 71 23.08 -1.50 -3.94
CA PHE B 71 22.53 -0.53 -4.88
C PHE B 71 23.59 -0.19 -5.92
N SER B 72 24.86 -0.11 -5.50
CA SER B 72 25.97 0.16 -6.39
C SER B 72 26.15 -0.97 -7.41
N ASP B 73 26.02 -2.23 -6.96
CA ASP B 73 26.06 -3.45 -7.77
C ASP B 73 24.93 -3.35 -8.82
N GLY B 74 23.76 -2.82 -8.40
CA GLY B 74 22.65 -2.62 -9.32
C GLY B 74 23.01 -1.65 -10.44
N LEU B 75 23.61 -0.51 -10.08
CA LEU B 75 24.09 0.49 -11.06
C LEU B 75 25.11 -0.11 -12.06
N ALA B 76 25.91 -1.07 -11.60
CA ALA B 76 26.90 -1.72 -12.45
C ALA B 76 26.28 -2.78 -13.39
N HIS B 77 25.00 -3.16 -13.16
CA HIS B 77 24.30 -4.20 -13.93
C HIS B 77 22.85 -3.80 -14.28
N LEU B 78 22.64 -2.57 -14.76
CA LEU B 78 21.27 -2.10 -15.06
C LEU B 78 20.50 -2.93 -16.07
N ASP B 79 21.21 -3.61 -16.99
CA ASP B 79 20.59 -4.45 -18.01
C ASP B 79 20.24 -5.86 -17.49
N ASN B 80 20.69 -6.22 -16.27
CA ASN B 80 20.46 -7.55 -15.70
C ASN B 80 20.28 -7.48 -14.19
N LEU B 81 19.25 -6.73 -13.73
CA LEU B 81 19.01 -6.58 -12.31
C LEU B 81 18.52 -7.86 -11.65
N LYS B 82 17.57 -8.56 -12.29
CA LYS B 82 16.98 -9.81 -11.78
C LYS B 82 18.07 -10.88 -11.55
N GLY B 83 19.00 -11.02 -12.50
CA GLY B 83 20.13 -11.94 -12.40
C GLY B 83 21.09 -11.58 -11.28
N THR B 84 21.47 -10.28 -11.19
CA THR B 84 22.34 -9.69 -10.16
C THR B 84 21.78 -9.89 -8.74
N PHE B 85 20.47 -9.68 -8.55
CA PHE B 85 19.88 -9.77 -7.21
C PHE B 85 19.17 -11.11 -6.91
N ALA B 86 19.36 -12.13 -7.76
CA ALA B 86 18.71 -13.43 -7.59
C ALA B 86 18.90 -14.03 -6.20
N THR B 87 20.16 -14.13 -5.72
CA THR B 87 20.46 -14.70 -4.41
C THR B 87 19.98 -13.79 -3.28
N LEU B 88 20.06 -12.46 -3.46
CA LEU B 88 19.58 -11.52 -2.44
CA LEU B 88 19.59 -11.48 -2.48
C LEU B 88 18.07 -11.56 -2.33
N SER B 89 17.36 -11.76 -3.48
CA SER B 89 15.89 -11.88 -3.53
C SER B 89 15.46 -13.13 -2.73
N GLU B 90 16.15 -14.24 -2.95
CA GLU B 90 15.87 -15.49 -2.23
C GLU B 90 16.10 -15.34 -0.73
N LEU B 91 17.16 -14.61 -0.33
CA LEU B 91 17.47 -14.40 1.07
C LEU B 91 16.34 -13.56 1.74
N HIS B 92 15.95 -12.43 1.12
CA HIS B 92 14.92 -11.58 1.71
C HIS B 92 13.55 -12.26 1.73
N CYS B 93 13.24 -13.10 0.69
CA CYS B 93 11.98 -13.86 0.62
C CYS B 93 11.93 -15.08 1.51
N ASP B 94 12.80 -16.06 1.23
CA ASP B 94 12.79 -17.37 1.90
C ASP B 94 13.27 -17.38 3.33
N LYS B 95 14.35 -16.66 3.62
CA LYS B 95 14.93 -16.68 4.97
C LYS B 95 14.40 -15.55 5.87
N LEU B 96 14.30 -14.31 5.33
CA LEU B 96 13.96 -13.15 6.15
C LEU B 96 12.50 -12.79 6.18
N HIS B 97 11.70 -13.28 5.20
CA HIS B 97 10.26 -13.03 5.08
C HIS B 97 9.95 -11.51 5.07
N VAL B 98 10.76 -10.72 4.36
CA VAL B 98 10.53 -9.27 4.26
C VAL B 98 9.44 -9.01 3.24
N ASP B 99 8.31 -8.38 3.62
CA ASP B 99 7.30 -8.08 2.59
C ASP B 99 7.89 -7.15 1.50
N PRO B 100 7.67 -7.45 0.19
CA PRO B 100 8.25 -6.62 -0.88
C PRO B 100 7.93 -5.13 -0.88
N GLU B 101 6.81 -4.69 -0.25
CA GLU B 101 6.50 -3.25 -0.20
C GLU B 101 7.65 -2.50 0.51
N ASN B 102 8.34 -3.18 1.45
CA ASN B 102 9.44 -2.55 2.16
C ASN B 102 10.63 -2.21 1.26
N PHE B 103 10.83 -2.95 0.15
CA PHE B 103 11.91 -2.62 -0.78
C PHE B 103 11.66 -1.26 -1.42
N ARG B 104 10.41 -0.97 -1.79
CA ARG B 104 10.05 0.30 -2.40
C ARG B 104 10.29 1.42 -1.36
N LEU B 105 9.90 1.16 -0.10
CA LEU B 105 10.13 2.13 0.98
C LEU B 105 11.63 2.45 1.13
N LEU B 106 12.50 1.44 1.18
CA LEU B 106 13.94 1.69 1.31
C LEU B 106 14.53 2.50 0.14
N GLY B 107 14.11 2.15 -1.09
CA GLY B 107 14.54 2.87 -2.29
C GLY B 107 14.20 4.34 -2.20
N ASN B 108 12.99 4.64 -1.74
CA ASN B 108 12.55 6.04 -1.61
C ASN B 108 13.24 6.77 -0.45
N VAL B 109 13.56 6.05 0.64
CA VAL B 109 14.32 6.65 1.74
C VAL B 109 15.74 6.97 1.23
N LEU B 110 16.34 6.08 0.42
CA LEU B 110 17.66 6.36 -0.13
C LEU B 110 17.60 7.64 -0.99
N VAL B 111 16.53 7.81 -1.78
CA VAL B 111 16.36 9.03 -2.60
C VAL B 111 16.31 10.28 -1.65
N CYS B 112 15.56 10.18 -0.55
CA CYS B 112 15.51 11.28 0.44
C CYS B 112 16.90 11.60 0.99
N VAL B 113 17.70 10.56 1.30
CA VAL B 113 19.06 10.76 1.81
C VAL B 113 19.95 11.44 0.77
N LEU B 114 19.86 10.99 -0.50
CA LEU B 114 20.63 11.64 -1.57
C LEU B 114 20.25 13.13 -1.68
N ALA B 115 18.95 13.43 -1.56
CA ALA B 115 18.49 14.83 -1.61
C ALA B 115 19.06 15.58 -0.38
N HIS B 116 19.04 14.92 0.78
CA HIS B 116 19.55 15.53 2.00
C HIS B 116 21.03 15.88 1.88
N HIS B 117 21.83 14.99 1.27
CA HIS B 117 23.26 15.26 1.12
C HIS B 117 23.61 16.24 0.01
N PHE B 118 22.90 16.15 -1.14
CA PHE B 118 23.28 16.96 -2.31
C PHE B 118 22.54 18.30 -2.48
N GLY B 119 21.48 18.54 -1.70
CA GLY B 119 20.75 19.81 -1.75
C GLY B 119 20.20 20.11 -3.14
N LYS B 120 20.36 21.37 -3.59
CA LYS B 120 19.82 21.77 -4.90
C LYS B 120 20.46 21.01 -6.07
N GLU B 121 21.65 20.38 -5.86
CA GLU B 121 22.32 19.59 -6.90
C GLU B 121 21.57 18.29 -7.21
N PHE B 122 20.68 17.86 -6.30
CA PHE B 122 19.84 16.68 -6.55
C PHE B 122 18.58 17.25 -7.23
N THR B 123 18.76 17.67 -8.48
CA THR B 123 17.74 18.32 -9.29
C THR B 123 16.56 17.38 -9.63
N PRO B 124 15.39 17.92 -10.06
CA PRO B 124 14.29 17.03 -10.48
C PRO B 124 14.72 16.04 -11.60
N PRO B 125 15.53 16.37 -12.64
CA PRO B 125 15.94 15.32 -13.62
C PRO B 125 16.85 14.25 -13.01
N VAL B 126 17.73 14.64 -12.05
CA VAL B 126 18.62 13.70 -11.38
C VAL B 126 17.78 12.75 -10.55
N GLN B 127 16.80 13.29 -9.80
CA GLN B 127 15.89 12.46 -9.04
C GLN B 127 15.14 11.47 -9.93
N ALA B 128 14.59 11.94 -11.05
CA ALA B 128 13.82 11.08 -11.96
C ALA B 128 14.63 9.86 -12.41
N ALA B 129 15.91 10.08 -12.70
CA ALA B 129 16.81 9.01 -13.11
C ALA B 129 17.02 8.04 -11.92
N TYR B 130 17.25 8.58 -10.70
CA TYR B 130 17.41 7.73 -9.52
C TYR B 130 16.14 6.94 -9.18
N GLN B 131 14.95 7.51 -9.48
CA GLN B 131 13.69 6.78 -9.24
C GLN B 131 13.63 5.52 -10.12
N LYS B 132 14.07 5.62 -11.38
CA LYS B 132 14.08 4.45 -12.26
C LYS B 132 15.01 3.37 -11.68
N VAL B 133 16.19 3.78 -11.19
CA VAL B 133 17.18 2.88 -10.60
C VAL B 133 16.60 2.15 -9.36
N VAL B 134 16.08 2.91 -8.39
CA VAL B 134 15.60 2.29 -7.16
C VAL B 134 14.36 1.41 -7.40
N ALA B 135 13.49 1.77 -8.38
CA ALA B 135 12.32 0.96 -8.72
C ALA B 135 12.82 -0.36 -9.30
N GLY B 136 13.85 -0.29 -10.13
CA GLY B 136 14.44 -1.46 -10.78
C GLY B 136 15.01 -2.41 -9.73
N VAL B 137 15.74 -1.84 -8.75
CA VAL B 137 16.35 -2.59 -7.63
C VAL B 137 15.24 -3.28 -6.80
N ALA B 138 14.22 -2.51 -6.39
CA ALA B 138 13.08 -3.04 -5.64
C ALA B 138 12.37 -4.19 -6.37
N ASN B 139 12.07 -4.03 -7.69
CA ASN B 139 11.44 -5.07 -8.49
C ASN B 139 12.32 -6.33 -8.57
N ALA B 140 13.65 -6.15 -8.73
CA ALA B 140 14.61 -7.26 -8.81
C ALA B 140 14.68 -8.00 -7.47
N LEU B 141 14.58 -7.24 -6.34
CA LEU B 141 14.58 -7.89 -5.02
C LEU B 141 13.30 -8.68 -4.76
N ALA B 142 12.21 -8.27 -5.38
CA ALA B 142 10.91 -8.94 -5.19
C ALA B 142 10.66 -10.08 -6.15
N HIS B 143 11.51 -10.23 -7.19
CA HIS B 143 11.27 -11.16 -8.27
C HIS B 143 11.23 -12.64 -7.84
N LYS B 144 12.00 -13.07 -6.82
CA LYS B 144 11.93 -14.48 -6.40
C LYS B 144 10.77 -14.80 -5.44
N TYR B 145 9.91 -13.81 -5.13
CA TYR B 145 8.71 -14.02 -4.33
C TYR B 145 7.63 -14.64 -5.25
N HIS B 146 7.92 -14.68 -6.57
CA HIS B 146 7.12 -15.27 -7.65
C HIS B 146 8.02 -16.26 -8.42
N VAL C 1 -11.08 7.44 6.50
CA VAL C 1 -12.13 8.25 7.14
C VAL C 1 -13.50 7.60 6.89
N LEU C 2 -14.14 7.12 7.97
CA LEU C 2 -15.46 6.46 7.88
C LEU C 2 -16.61 7.47 7.81
N SER C 3 -17.59 7.21 6.92
CA SER C 3 -18.78 8.04 6.79
C SER C 3 -19.82 7.63 7.85
N PRO C 4 -20.86 8.45 8.13
CA PRO C 4 -21.90 8.00 9.09
C PRO C 4 -22.59 6.71 8.63
N ALA C 5 -22.84 6.56 7.32
CA ALA C 5 -23.44 5.34 6.75
C ALA C 5 -22.50 4.14 6.96
N ASP C 6 -21.17 4.35 6.82
CA ASP C 6 -20.18 3.29 7.04
C ASP C 6 -20.33 2.72 8.43
N LYS C 7 -20.41 3.62 9.43
CA LYS C 7 -20.54 3.23 10.83
C LYS C 7 -21.81 2.39 11.06
N THR C 8 -22.97 2.78 10.51
CA THR C 8 -24.18 1.99 10.69
C THR C 8 -24.14 0.65 9.95
N ASN C 9 -23.54 0.64 8.75
CA ASN C 9 -23.38 -0.61 7.99
C ASN C 9 -22.55 -1.62 8.78
N VAL C 10 -21.41 -1.15 9.35
CA VAL C 10 -20.52 -1.96 10.16
C VAL C 10 -21.26 -2.47 11.41
N LYS C 11 -21.97 -1.56 12.13
CA LYS C 11 -22.75 -1.96 13.30
C LYS C 11 -23.76 -3.06 12.94
N ALA C 12 -24.49 -2.91 11.80
CA ALA C 12 -25.49 -3.90 11.40
C ALA C 12 -24.91 -5.29 11.02
N ALA C 13 -23.87 -5.32 10.16
CA ALA C 13 -23.29 -6.60 9.73
C ALA C 13 -22.57 -7.30 10.86
N TRP C 14 -21.68 -6.58 11.58
CA TRP C 14 -20.94 -7.14 12.71
C TRP C 14 -21.87 -7.55 13.87
N GLY C 15 -23.01 -6.88 14.00
CA GLY C 15 -24.05 -7.21 14.99
C GLY C 15 -24.67 -8.57 14.75
N LYS C 16 -24.72 -9.03 13.48
CA LYS C 16 -25.25 -10.34 13.14
C LYS C 16 -24.28 -11.48 13.51
N VAL C 17 -23.01 -11.17 13.77
CA VAL C 17 -22.02 -12.15 14.19
C VAL C 17 -22.37 -12.64 15.60
N GLY C 18 -22.58 -11.70 16.53
CA GLY C 18 -22.97 -11.94 17.92
C GLY C 18 -22.22 -13.02 18.66
N ALA C 19 -22.91 -14.15 18.96
CA ALA C 19 -22.33 -15.30 19.65
C ALA C 19 -21.38 -16.11 18.75
N HIS C 20 -21.45 -15.91 17.41
CA HIS C 20 -20.59 -16.61 16.44
C HIS C 20 -19.26 -15.84 16.27
N ALA C 21 -18.96 -14.89 17.19
CA ALA C 21 -17.76 -14.04 17.17
C ALA C 21 -16.47 -14.85 17.07
N GLY C 22 -16.26 -15.73 18.04
CA GLY C 22 -15.10 -16.61 18.14
C GLY C 22 -14.93 -17.52 16.94
N GLU C 23 -16.03 -18.06 16.42
CA GLU C 23 -15.98 -18.95 15.26
C GLU C 23 -15.55 -18.21 14.01
N TYR C 24 -16.07 -16.98 13.77
CA TYR C 24 -15.66 -16.19 12.61
C TYR C 24 -14.20 -15.72 12.76
N GLY C 25 -13.83 -15.26 13.96
CA GLY C 25 -12.47 -14.85 14.26
C GLY C 25 -11.47 -15.98 14.06
N ALA C 26 -11.80 -17.20 14.54
CA ALA C 26 -10.91 -18.39 14.41
C ALA C 26 -10.79 -18.79 12.93
N GLU C 27 -11.90 -18.75 12.18
CA GLU C 27 -11.88 -19.11 10.76
C GLU C 27 -11.02 -18.12 9.96
N ALA C 28 -11.14 -16.81 10.25
CA ALA C 28 -10.34 -15.77 9.58
C ALA C 28 -8.83 -16.02 9.80
N LEU C 29 -8.44 -16.39 11.05
CA LEU C 29 -7.04 -16.69 11.36
C LEU C 29 -6.58 -17.93 10.59
N GLU C 30 -7.40 -19.00 10.61
CA GLU C 30 -7.14 -20.25 9.89
C GLU C 30 -6.92 -19.95 8.41
N ARG C 31 -7.82 -19.15 7.81
CA ARG C 31 -7.69 -18.78 6.40
C ARG C 31 -6.39 -18.02 6.16
N MET C 32 -6.03 -17.14 7.09
CA MET C 32 -4.81 -16.35 6.96
C MET C 32 -3.57 -17.22 7.01
N PHE C 33 -3.45 -18.10 8.04
CA PHE C 33 -2.25 -18.95 8.16
C PHE C 33 -2.08 -19.87 6.98
N LEU C 34 -3.19 -20.39 6.41
CA LEU C 34 -3.08 -21.30 5.27
C LEU C 34 -2.78 -20.56 3.95
N SER C 35 -3.46 -19.42 3.70
CA SER C 35 -3.30 -18.66 2.46
C SER C 35 -2.00 -17.88 2.40
N PHE C 36 -1.51 -17.37 3.56
CA PHE C 36 -0.33 -16.51 3.63
C PHE C 36 0.55 -17.04 4.75
N PRO C 37 1.32 -18.10 4.45
CA PRO C 37 2.08 -18.78 5.52
C PRO C 37 3.08 -17.95 6.29
N THR C 38 3.58 -16.83 5.71
CA THR C 38 4.54 -15.98 6.42
C THR C 38 3.94 -15.39 7.69
N THR C 39 2.59 -15.26 7.76
CA THR C 39 1.87 -14.75 8.95
C THR C 39 2.09 -15.70 10.14
N LYS C 40 2.36 -16.99 9.88
CA LYS C 40 2.66 -17.95 10.97
C LYS C 40 3.89 -17.55 11.78
N THR C 41 4.82 -16.75 11.20
CA THR C 41 6.08 -16.39 11.89
C THR C 41 5.86 -15.47 13.10
N TYR C 42 4.68 -14.86 13.21
CA TYR C 42 4.33 -14.09 14.39
C TYR C 42 3.80 -14.96 15.54
N PHE C 43 3.50 -16.24 15.28
CA PHE C 43 2.90 -17.16 16.26
C PHE C 43 3.72 -18.45 16.42
N PRO C 44 5.05 -18.36 16.68
CA PRO C 44 5.85 -19.60 16.80
C PRO C 44 5.45 -20.46 18.01
N HIS C 45 4.88 -19.83 19.03
CA HIS C 45 4.47 -20.47 20.28
C HIS C 45 3.07 -21.09 20.20
N PHE C 46 2.39 -20.95 19.05
CA PHE C 46 1.05 -21.48 18.93
C PHE C 46 0.99 -22.84 18.31
N ASP C 47 0.01 -23.63 18.76
CA ASP C 47 -0.34 -24.85 18.08
C ASP C 47 -1.26 -24.33 16.96
N LEU C 48 -0.87 -24.53 15.67
CA LEU C 48 -1.62 -24.02 14.52
C LEU C 48 -2.28 -25.11 13.66
N SER C 49 -2.41 -26.32 14.23
CA SER C 49 -3.06 -27.45 13.57
C SER C 49 -4.57 -27.22 13.50
N HIS C 50 -5.31 -27.91 12.60
CA HIS C 50 -6.77 -27.72 12.49
C HIS C 50 -7.49 -28.04 13.80
N GLY C 51 -8.47 -27.20 14.14
CA GLY C 51 -9.25 -27.32 15.37
C GLY C 51 -8.47 -27.02 16.63
N SER C 52 -7.32 -26.31 16.51
CA SER C 52 -6.45 -25.91 17.62
C SER C 52 -7.26 -25.07 18.60
N ALA C 53 -7.19 -25.40 19.90
CA ALA C 53 -7.91 -24.67 20.95
C ALA C 53 -7.31 -23.27 21.09
N GLN C 54 -5.98 -23.16 20.87
CA GLN C 54 -5.24 -21.90 20.91
C GLN C 54 -5.69 -20.93 19.81
N VAL C 55 -5.92 -21.45 18.58
CA VAL C 55 -6.38 -20.59 17.49
C VAL C 55 -7.83 -20.17 17.79
N LYS C 56 -8.65 -21.10 18.33
CA LYS C 56 -10.05 -20.79 18.68
C LYS C 56 -10.10 -19.67 19.75
N GLY C 57 -9.28 -19.79 20.80
CA GLY C 57 -9.20 -18.80 21.88
C GLY C 57 -8.75 -17.45 21.35
N HIS C 58 -7.73 -17.46 20.47
CA HIS C 58 -7.21 -16.25 19.87
C HIS C 58 -8.23 -15.58 18.95
N GLY C 59 -8.97 -16.39 18.18
CA GLY C 59 -10.03 -15.94 17.29
C GLY C 59 -11.10 -15.15 18.03
N LYS C 60 -11.45 -15.64 19.24
CA LYS C 60 -12.42 -14.97 20.12
C LYS C 60 -11.88 -13.61 20.58
N LYS C 61 -10.59 -13.53 20.96
CA LYS C 61 -9.96 -12.28 21.38
C LYS C 61 -9.95 -11.24 20.25
N VAL C 62 -9.59 -11.67 19.02
CA VAL C 62 -9.57 -10.76 17.85
C VAL C 62 -10.98 -10.23 17.56
N ALA C 63 -11.99 -11.14 17.51
CA ALA C 63 -13.38 -10.79 17.21
C ALA C 63 -13.95 -9.86 18.29
N ASP C 64 -13.62 -10.12 19.57
CA ASP C 64 -14.09 -9.28 20.68
C ASP C 64 -13.45 -7.89 20.63
N ALA C 65 -12.21 -7.80 20.14
CA ALA C 65 -11.52 -6.51 19.98
C ALA C 65 -12.23 -5.71 18.87
N LEU C 66 -12.69 -6.40 17.81
CA LEU C 66 -13.42 -5.74 16.71
C LEU C 66 -14.80 -5.26 17.18
N THR C 67 -15.45 -6.05 18.02
CA THR C 67 -16.74 -5.66 18.61
C THR C 67 -16.54 -4.38 19.42
N ASN C 68 -15.43 -4.31 20.18
CA ASN C 68 -15.10 -3.16 21.03
C ASN C 68 -14.82 -1.95 20.15
N ALA C 69 -14.07 -2.14 19.04
CA ALA C 69 -13.74 -1.08 18.09
C ALA C 69 -15.04 -0.51 17.51
N VAL C 70 -16.05 -1.37 17.18
CA VAL C 70 -17.37 -0.95 16.63
C VAL C 70 -18.08 -0.08 17.65
N ALA C 71 -18.05 -0.50 18.93
CA ALA C 71 -18.69 0.20 20.06
C ALA C 71 -18.04 1.58 20.36
N HIS C 72 -16.79 1.79 19.91
CA HIS C 72 -16.02 3.04 20.10
C HIS C 72 -15.47 3.54 18.77
N VAL C 73 -16.27 3.40 17.70
CA VAL C 73 -15.84 3.72 16.35
C VAL C 73 -15.35 5.20 16.17
N ASP C 74 -15.84 6.13 16.98
CA ASP C 74 -15.40 7.54 16.90
C ASP C 74 -14.23 7.86 17.82
N ASP C 75 -13.78 6.87 18.63
CA ASP C 75 -12.72 7.06 19.62
C ASP C 75 -11.78 5.84 19.62
N MET C 76 -11.45 5.35 18.41
CA MET C 76 -10.60 4.15 18.27
C MET C 76 -9.16 4.37 18.79
N PRO C 77 -8.43 5.48 18.54
CA PRO C 77 -7.09 5.61 19.15
C PRO C 77 -7.08 5.43 20.66
N ASN C 78 -8.06 6.04 21.39
CA ASN C 78 -8.11 5.86 22.85
CA ASN C 78 -8.14 5.87 22.85
C ASN C 78 -8.56 4.46 23.24
N ALA C 79 -9.66 3.94 22.63
CA ALA C 79 -10.21 2.61 22.94
C ALA C 79 -9.25 1.45 22.62
N LEU C 80 -8.44 1.60 21.58
CA LEU C 80 -7.55 0.54 21.13
C LEU C 80 -6.08 0.75 21.51
N SER C 81 -5.80 1.75 22.37
CA SER C 81 -4.45 2.10 22.83
CA SER C 81 -4.45 2.10 22.81
C SER C 81 -3.61 0.90 23.29
N ALA C 82 -4.20 -0.04 24.07
CA ALA C 82 -3.46 -1.22 24.54
C ALA C 82 -3.12 -2.15 23.34
N LEU C 83 -4.01 -2.21 22.33
CA LEU C 83 -3.75 -3.04 21.16
C LEU C 83 -2.70 -2.45 20.26
N SER C 84 -2.63 -1.09 20.18
CA SER C 84 -1.55 -0.42 19.45
C SER C 84 -0.21 -0.63 20.22
N ASP C 85 -0.23 -0.56 21.53
CA ASP C 85 0.97 -0.83 22.34
C ASP C 85 1.54 -2.21 21.98
N LEU C 86 0.65 -3.20 21.88
CA LEU C 86 1.01 -4.55 21.58
C LEU C 86 1.49 -4.76 20.12
N HIS C 87 0.70 -4.31 19.16
CA HIS C 87 1.02 -4.59 17.77
C HIS C 87 2.08 -3.68 17.17
N ALA C 88 2.08 -2.40 17.59
CA ALA C 88 3.01 -1.41 17.06
C ALA C 88 4.27 -1.30 17.86
N HIS C 89 4.18 -1.29 19.20
CA HIS C 89 5.39 -1.09 19.99
C HIS C 89 6.11 -2.40 20.33
N LYS C 90 5.36 -3.47 20.67
CA LYS C 90 5.96 -4.74 21.11
C LYS C 90 6.20 -5.75 19.99
N LEU C 91 5.15 -6.12 19.24
CA LEU C 91 5.24 -7.15 18.22
C LEU C 91 5.80 -6.65 16.89
N ARG C 92 5.68 -5.33 16.62
CA ARG C 92 6.19 -4.70 15.41
C ARG C 92 5.63 -5.39 14.16
N VAL C 93 4.31 -5.64 14.14
CA VAL C 93 3.65 -6.34 13.01
C VAL C 93 3.74 -5.49 11.73
N ASP C 94 4.22 -6.09 10.64
CA ASP C 94 4.28 -5.33 9.39
C ASP C 94 2.82 -5.03 8.95
N PRO C 95 2.48 -3.76 8.60
CA PRO C 95 1.12 -3.42 8.15
C PRO C 95 0.54 -4.34 7.05
N VAL C 96 1.39 -4.96 6.20
CA VAL C 96 0.86 -5.87 5.15
C VAL C 96 0.00 -6.99 5.78
N ASN C 97 0.42 -7.48 6.97
CA ASN C 97 -0.27 -8.60 7.62
C ASN C 97 -1.68 -8.23 8.01
N PHE C 98 -1.92 -6.92 8.33
CA PHE C 98 -3.25 -6.46 8.68
C PHE C 98 -4.15 -6.48 7.44
N LYS C 99 -3.60 -6.20 6.24
CA LYS C 99 -4.35 -6.28 4.99
C LYS C 99 -4.76 -7.72 4.74
N LEU C 100 -3.87 -8.66 5.06
CA LEU C 100 -4.13 -10.09 4.88
C LEU C 100 -5.20 -10.58 5.83
N LEU C 101 -5.11 -10.23 7.13
CA LEU C 101 -6.15 -10.68 8.05
C LEU C 101 -7.50 -10.00 7.71
N SER C 102 -7.47 -8.70 7.37
CA SER C 102 -8.69 -7.97 7.03
C SER C 102 -9.40 -8.65 5.84
N HIS C 103 -8.62 -9.05 4.83
CA HIS C 103 -9.13 -9.75 3.66
C HIS C 103 -9.74 -11.08 4.09
N CYS C 104 -9.05 -11.84 4.96
CA CYS C 104 -9.58 -13.12 5.43
C CYS C 104 -10.86 -13.00 6.23
N LEU C 105 -11.00 -11.90 6.97
CA LEU C 105 -12.24 -11.63 7.71
CA LEU C 105 -12.25 -11.68 7.70
C LEU C 105 -13.39 -11.39 6.71
N LEU C 106 -13.12 -10.58 5.63
CA LEU C 106 -14.14 -10.32 4.63
C LEU C 106 -14.58 -11.61 3.95
N VAL C 107 -13.61 -12.47 3.61
CA VAL C 107 -13.92 -13.77 3.01
C VAL C 107 -14.82 -14.60 3.94
N THR C 108 -14.50 -14.61 5.25
CA THR C 108 -15.28 -15.39 6.24
C THR C 108 -16.72 -14.89 6.29
N LEU C 109 -16.89 -13.56 6.31
CA LEU C 109 -18.21 -12.93 6.36
C LEU C 109 -19.00 -13.18 5.08
N ALA C 110 -18.33 -13.15 3.92
CA ALA C 110 -18.97 -13.42 2.64
C ALA C 110 -19.46 -14.87 2.59
N ALA C 111 -18.64 -15.81 3.08
CA ALA C 111 -19.00 -17.24 3.04
C ALA C 111 -20.15 -17.61 3.98
N HIS C 112 -20.17 -17.02 5.18
CA HIS C 112 -21.14 -17.42 6.21
C HIS C 112 -22.31 -16.48 6.45
N LEU C 113 -22.21 -15.21 6.04
CA LEU C 113 -23.33 -14.26 6.17
C LEU C 113 -23.60 -13.63 4.80
N PRO C 114 -23.94 -14.43 3.76
CA PRO C 114 -24.12 -13.87 2.41
C PRO C 114 -25.17 -12.77 2.29
N ALA C 115 -26.28 -12.88 3.04
CA ALA C 115 -27.36 -11.87 2.98
C ALA C 115 -26.90 -10.51 3.49
N GLU C 116 -25.90 -10.51 4.39
CA GLU C 116 -25.32 -9.31 5.01
C GLU C 116 -24.25 -8.67 4.14
N PHE C 117 -23.55 -9.50 3.37
CA PHE C 117 -22.39 -9.06 2.62
C PHE C 117 -22.73 -8.43 1.27
N THR C 118 -23.48 -7.31 1.31
CA THR C 118 -23.85 -6.58 0.10
C THR C 118 -22.65 -5.72 -0.36
N PRO C 119 -22.62 -5.19 -1.60
CA PRO C 119 -21.49 -4.33 -2.01
C PRO C 119 -21.29 -3.13 -1.07
N ALA C 120 -22.38 -2.44 -0.68
CA ALA C 120 -22.28 -1.28 0.24
C ALA C 120 -21.64 -1.71 1.58
N VAL C 121 -22.12 -2.83 2.15
CA VAL C 121 -21.63 -3.33 3.44
C VAL C 121 -20.15 -3.79 3.30
N HIS C 122 -19.82 -4.49 2.19
CA HIS C 122 -18.46 -4.89 1.88
C HIS C 122 -17.54 -3.64 1.88
N ALA C 123 -17.97 -2.53 1.22
CA ALA C 123 -17.14 -1.31 1.20
C ALA C 123 -16.95 -0.74 2.60
N SER C 124 -18.02 -0.69 3.38
CA SER C 124 -17.94 -0.15 4.75
C SER C 124 -17.05 -0.99 5.67
N LEU C 125 -17.15 -2.33 5.58
CA LEU C 125 -16.32 -3.23 6.39
C LEU C 125 -14.85 -3.09 6.02
N ASP C 126 -14.55 -2.97 4.70
CA ASP C 126 -13.17 -2.79 4.25
C ASP C 126 -12.55 -1.49 4.84
N LYS C 127 -13.31 -0.38 4.79
CA LYS C 127 -12.83 0.89 5.34
C LYS C 127 -12.64 0.78 6.87
N PHE C 128 -13.58 0.14 7.57
CA PHE C 128 -13.50 -0.03 9.02
C PHE C 128 -12.24 -0.85 9.41
N LEU C 129 -12.01 -2.00 8.75
CA LEU C 129 -10.85 -2.83 9.07
C LEU C 129 -9.55 -2.09 8.71
N ALA C 130 -9.55 -1.24 7.64
CA ALA C 130 -8.36 -0.45 7.30
C ALA C 130 -8.08 0.60 8.40
N SER C 131 -9.15 1.23 8.94
CA SER C 131 -9.01 2.21 10.02
CA SER C 131 -8.99 2.21 10.02
C SER C 131 -8.47 1.54 11.29
N VAL C 132 -9.03 0.36 11.66
CA VAL C 132 -8.57 -0.40 12.83
C VAL C 132 -7.08 -0.74 12.64
N SER C 133 -6.72 -1.19 11.42
CA SER C 133 -5.35 -1.57 11.08
C SER C 133 -4.36 -0.42 11.28
N THR C 134 -4.71 0.79 10.82
CA THR C 134 -3.83 1.97 10.98
C THR C 134 -3.64 2.27 12.47
N VAL C 135 -4.71 2.18 13.29
CA VAL C 135 -4.60 2.44 14.72
C VAL C 135 -3.62 1.43 15.35
N LEU C 136 -3.77 0.14 15.03
CA LEU C 136 -2.95 -0.92 15.66
C LEU C 136 -1.48 -0.89 15.22
N THR C 137 -1.18 -0.31 14.04
CA THR C 137 0.19 -0.22 13.52
C THR C 137 0.86 1.15 13.75
N SER C 138 0.17 2.09 14.37
CA SER C 138 0.70 3.43 14.63
C SER C 138 1.24 3.55 16.04
N LYS C 139 2.32 4.34 16.22
CA LYS C 139 2.91 4.66 17.51
C LYS C 139 2.45 6.08 17.77
N TYR C 140 1.47 6.22 18.68
CA TYR C 140 0.88 7.53 18.95
C TYR C 140 0.79 7.91 20.42
N ARG C 141 1.36 7.09 21.31
CA ARG C 141 1.41 7.36 22.75
CA ARG C 141 1.33 7.42 22.74
C ARG C 141 2.23 8.63 23.05
N VAL D 1 3.07 -20.38 -11.00
CA VAL D 1 2.28 -20.71 -9.82
C VAL D 1 2.27 -22.21 -9.62
N HIS D 2 2.70 -22.67 -8.43
CA HIS D 2 2.68 -24.09 -8.13
C HIS D 2 1.49 -24.42 -7.25
N LEU D 3 0.63 -25.31 -7.72
CA LEU D 3 -0.49 -25.84 -6.93
C LEU D 3 -0.22 -27.32 -6.75
N THR D 4 -0.56 -27.87 -5.58
CA THR D 4 -0.42 -29.32 -5.31
C THR D 4 -1.46 -30.07 -6.17
N PRO D 5 -1.31 -31.39 -6.44
CA PRO D 5 -2.33 -32.11 -7.22
C PRO D 5 -3.73 -31.99 -6.55
N GLU D 6 -3.76 -32.01 -5.20
CA GLU D 6 -4.98 -31.85 -4.39
C GLU D 6 -5.60 -30.46 -4.64
N GLU D 7 -4.77 -29.40 -4.63
CA GLU D 7 -5.21 -28.03 -4.86
C GLU D 7 -5.72 -27.85 -6.29
N LYS D 8 -4.99 -28.40 -7.30
CA LYS D 8 -5.37 -28.33 -8.72
C LYS D 8 -6.78 -28.91 -8.90
N SER D 9 -7.02 -30.08 -8.27
CA SER D 9 -8.30 -30.81 -8.33
CA SER D 9 -8.29 -30.80 -8.33
C SER D 9 -9.44 -29.99 -7.70
N ALA D 10 -9.18 -29.38 -6.53
CA ALA D 10 -10.17 -28.59 -5.80
C ALA D 10 -10.49 -27.27 -6.55
N VAL D 11 -9.46 -26.62 -7.10
CA VAL D 11 -9.61 -25.37 -7.86
C VAL D 11 -10.44 -25.64 -9.13
N THR D 12 -10.08 -26.67 -9.91
CA THR D 12 -10.77 -27.06 -11.15
C THR D 12 -12.25 -27.43 -10.91
N ALA D 13 -12.52 -28.25 -9.87
CA ALA D 13 -13.89 -28.67 -9.53
C ALA D 13 -14.80 -27.47 -9.16
N LEU D 14 -14.31 -26.53 -8.34
CA LEU D 14 -15.08 -25.35 -7.96
C LEU D 14 -15.26 -24.43 -9.17
N TRP D 15 -14.19 -24.21 -9.96
CA TRP D 15 -14.25 -23.33 -11.14
C TRP D 15 -15.29 -23.77 -12.17
N GLY D 16 -15.47 -25.09 -12.31
CA GLY D 16 -16.45 -25.66 -13.24
C GLY D 16 -17.89 -25.37 -12.87
N LYS D 17 -18.14 -24.97 -11.60
CA LYS D 17 -19.45 -24.64 -11.05
C LYS D 17 -19.72 -23.11 -11.02
N VAL D 18 -18.73 -22.28 -11.37
CA VAL D 18 -18.85 -20.81 -11.37
C VAL D 18 -19.91 -20.36 -12.37
N ASN D 19 -20.81 -19.42 -11.95
CA ASN D 19 -21.82 -18.87 -12.84
C ASN D 19 -21.07 -17.83 -13.69
N VAL D 20 -20.75 -18.20 -14.94
CA VAL D 20 -19.96 -17.39 -15.87
C VAL D 20 -20.65 -16.09 -16.27
N ASP D 21 -21.98 -16.02 -16.14
CA ASP D 21 -22.71 -14.80 -16.48
C ASP D 21 -22.67 -13.76 -15.37
N GLU D 22 -22.45 -14.18 -14.11
CA GLU D 22 -22.55 -13.32 -12.92
C GLU D 22 -21.25 -12.99 -12.18
N VAL D 23 -20.42 -14.01 -11.89
CA VAL D 23 -19.26 -13.85 -11.01
C VAL D 23 -18.30 -12.72 -11.46
N GLY D 24 -17.94 -12.65 -12.75
CA GLY D 24 -17.03 -11.59 -13.23
C GLY D 24 -17.57 -10.18 -13.03
N GLY D 25 -18.83 -9.98 -13.42
CA GLY D 25 -19.53 -8.71 -13.25
C GLY D 25 -19.64 -8.31 -11.78
N GLU D 26 -19.85 -9.30 -10.88
CA GLU D 26 -19.93 -9.04 -9.44
C GLU D 26 -18.58 -8.63 -8.87
N ALA D 27 -17.47 -9.26 -9.36
CA ALA D 27 -16.11 -8.93 -8.92
C ALA D 27 -15.75 -7.52 -9.42
N LEU D 28 -16.07 -7.23 -10.69
CA LEU D 28 -15.76 -5.91 -11.24
C LEU D 28 -16.60 -4.84 -10.52
N GLY D 29 -17.89 -5.11 -10.34
CA GLY D 29 -18.79 -4.21 -9.65
C GLY D 29 -18.32 -3.89 -8.25
N ARG D 30 -17.92 -4.93 -7.51
CA ARG D 30 -17.43 -4.73 -6.16
C ARG D 30 -16.13 -3.94 -6.16
N LEU D 31 -15.25 -4.16 -7.13
CA LEU D 31 -14.03 -3.36 -7.24
C LEU D 31 -14.39 -1.86 -7.35
N LEU D 32 -15.36 -1.54 -8.21
CA LEU D 32 -15.80 -0.17 -8.46
C LEU D 32 -16.44 0.48 -7.25
N VAL D 33 -17.15 -0.31 -6.42
CA VAL D 33 -17.85 0.18 -5.22
C VAL D 33 -16.88 0.30 -4.03
N VAL D 34 -16.06 -0.74 -3.81
CA VAL D 34 -15.16 -0.82 -2.66
C VAL D 34 -13.93 0.09 -2.81
N TYR D 35 -13.40 0.22 -4.05
CA TYR D 35 -12.21 1.04 -4.35
C TYR D 35 -12.65 2.07 -5.40
N PRO D 36 -13.39 3.11 -4.98
CA PRO D 36 -14.05 4.01 -5.96
C PRO D 36 -13.21 4.73 -6.99
N TRP D 37 -11.91 4.88 -6.76
CA TRP D 37 -11.06 5.58 -7.75
C TRP D 37 -10.95 4.75 -9.02
N THR D 38 -11.20 3.41 -8.93
CA THR D 38 -11.14 2.53 -10.11
C THR D 38 -12.20 2.91 -11.17
N GLN D 39 -13.26 3.63 -10.75
CA GLN D 39 -14.31 4.12 -11.66
C GLN D 39 -13.74 5.06 -12.74
N ARG D 40 -12.60 5.73 -12.45
CA ARG D 40 -11.99 6.67 -13.40
C ARG D 40 -11.62 5.98 -14.74
N PHE D 41 -11.30 4.67 -14.68
CA PHE D 41 -10.92 3.87 -15.86
C PHE D 41 -12.12 3.44 -16.72
N PHE D 42 -13.35 3.58 -16.19
CA PHE D 42 -14.57 3.07 -16.81
C PHE D 42 -15.66 4.14 -17.04
N GLU D 43 -15.24 5.37 -17.32
CA GLU D 43 -16.15 6.51 -17.59
C GLU D 43 -17.13 6.24 -18.74
N SER D 44 -16.73 5.43 -19.72
CA SER D 44 -17.54 5.06 -20.88
C SER D 44 -18.72 4.14 -20.53
N PHE D 45 -18.72 3.57 -19.30
CA PHE D 45 -19.81 2.69 -18.86
C PHE D 45 -21.05 3.48 -18.41
N GLY D 46 -20.95 4.79 -18.31
CA GLY D 46 -22.07 5.61 -17.91
C GLY D 46 -22.27 5.63 -16.41
N ASP D 47 -23.54 5.49 -15.95
CA ASP D 47 -23.95 5.56 -14.54
C ASP D 47 -23.32 4.50 -13.65
N LEU D 48 -22.47 4.97 -12.71
CA LEU D 48 -21.81 4.17 -11.68
C LEU D 48 -21.92 4.92 -10.32
N SER D 49 -22.91 5.81 -10.21
CA SER D 49 -23.13 6.72 -9.07
C SER D 49 -23.64 6.08 -7.80
N THR D 50 -24.22 4.87 -7.86
CA THR D 50 -24.67 4.16 -6.66
C THR D 50 -24.24 2.69 -6.73
N PRO D 51 -24.18 1.95 -5.60
CA PRO D 51 -23.86 0.52 -5.68
C PRO D 51 -24.83 -0.24 -6.59
N ASP D 52 -26.16 -0.02 -6.46
CA ASP D 52 -27.16 -0.68 -7.32
C ASP D 52 -26.96 -0.34 -8.80
N ALA D 53 -26.62 0.93 -9.12
CA ALA D 53 -26.32 1.38 -10.50
C ALA D 53 -25.10 0.61 -11.03
N VAL D 54 -24.03 0.47 -10.20
CA VAL D 54 -22.83 -0.27 -10.62
C VAL D 54 -23.16 -1.74 -10.89
N MET D 55 -23.75 -2.42 -9.88
CA MET D 55 -23.99 -3.87 -9.97
C MET D 55 -24.93 -4.29 -11.12
N GLY D 56 -25.91 -3.44 -11.45
CA GLY D 56 -26.85 -3.72 -12.52
C GLY D 56 -26.48 -3.15 -13.87
N ASN D 57 -25.31 -2.48 -13.97
CA ASN D 57 -24.85 -1.85 -15.21
C ASN D 57 -24.45 -2.95 -16.24
N PRO D 58 -25.06 -2.97 -17.45
CA PRO D 58 -24.75 -4.03 -18.43
C PRO D 58 -23.31 -4.02 -18.94
N LYS D 59 -22.65 -2.85 -18.94
CA LYS D 59 -21.25 -2.77 -19.39
C LYS D 59 -20.33 -3.40 -18.34
N VAL D 60 -20.68 -3.22 -17.05
CA VAL D 60 -19.94 -3.85 -15.94
C VAL D 60 -20.08 -5.36 -16.05
N LYS D 61 -21.32 -5.85 -16.30
CA LYS D 61 -21.55 -7.29 -16.41
C LYS D 61 -20.79 -7.89 -17.62
N ALA D 62 -20.85 -7.22 -18.81
CA ALA D 62 -20.16 -7.75 -20.00
C ALA D 62 -18.62 -7.71 -19.85
N HIS D 63 -18.08 -6.60 -19.36
CA HIS D 63 -16.64 -6.49 -19.12
C HIS D 63 -16.17 -7.47 -18.05
N GLY D 64 -16.96 -7.61 -16.98
CA GLY D 64 -16.66 -8.55 -15.89
C GLY D 64 -16.53 -9.98 -16.42
N LYS D 65 -17.38 -10.34 -17.42
CA LYS D 65 -17.33 -11.67 -18.05
C LYS D 65 -15.99 -11.87 -18.79
N LYS D 66 -15.46 -10.80 -19.41
CA LYS D 66 -14.17 -10.84 -20.12
C LYS D 66 -13.04 -11.03 -19.11
N VAL D 67 -13.10 -10.28 -17.99
CA VAL D 67 -12.11 -10.38 -16.91
C VAL D 67 -12.12 -11.81 -16.34
N LEU D 68 -13.31 -12.39 -16.11
CA LEU D 68 -13.41 -13.76 -15.59
C LEU D 68 -12.78 -14.74 -16.59
N GLY D 69 -12.98 -14.49 -17.89
CA GLY D 69 -12.38 -15.30 -18.94
C GLY D 69 -10.87 -15.32 -18.86
N ALA D 70 -10.28 -14.16 -18.55
CA ALA D 70 -8.84 -14.00 -18.42
C ALA D 70 -8.30 -14.75 -17.20
N PHE D 71 -9.04 -14.75 -16.05
CA PHE D 71 -8.65 -15.54 -14.87
C PHE D 71 -8.74 -17.03 -15.23
N SER D 72 -9.79 -17.44 -16.02
CA SER D 72 -9.98 -18.83 -16.48
CA SER D 72 -9.97 -18.82 -16.47
C SER D 72 -8.77 -19.27 -17.29
N ASP D 73 -8.27 -18.37 -18.19
CA ASP D 73 -7.09 -18.53 -19.05
C ASP D 73 -5.85 -18.72 -18.17
N GLY D 74 -5.78 -17.95 -17.08
CA GLY D 74 -4.68 -18.04 -16.10
C GLY D 74 -4.58 -19.40 -15.49
N LEU D 75 -5.74 -19.91 -15.00
CA LEU D 75 -5.86 -21.25 -14.41
C LEU D 75 -5.41 -22.37 -15.36
N ALA D 76 -5.60 -22.16 -16.68
CA ALA D 76 -5.22 -23.11 -17.72
C ALA D 76 -3.73 -23.03 -18.13
N HIS D 77 -3.02 -21.96 -17.67
CA HIS D 77 -1.62 -21.70 -18.00
C HIS D 77 -0.81 -21.27 -16.78
N LEU D 78 -0.98 -21.96 -15.64
CA LEU D 78 -0.29 -21.63 -14.40
C LEU D 78 1.25 -21.66 -14.48
N ASP D 79 1.81 -22.46 -15.42
CA ASP D 79 3.26 -22.60 -15.64
C ASP D 79 3.81 -21.50 -16.59
N ASN D 80 2.92 -20.71 -17.23
CA ASN D 80 3.32 -19.69 -18.19
C ASN D 80 2.41 -18.47 -18.16
N LEU D 81 2.25 -17.87 -16.99
CA LEU D 81 1.38 -16.71 -16.86
C LEU D 81 1.94 -15.46 -17.51
N LYS D 82 3.25 -15.20 -17.33
CA LYS D 82 3.89 -14.03 -17.94
C LYS D 82 3.78 -14.05 -19.48
N GLY D 83 4.04 -15.21 -20.10
CA GLY D 83 3.95 -15.38 -21.54
C GLY D 83 2.56 -15.20 -22.10
N THR D 84 1.58 -15.91 -21.51
CA THR D 84 0.17 -15.90 -21.90
C THR D 84 -0.39 -14.48 -21.86
N PHE D 85 -0.15 -13.76 -20.74
CA PHE D 85 -0.65 -12.42 -20.48
C PHE D 85 0.22 -11.26 -20.99
N ALA D 86 1.32 -11.53 -21.73
CA ALA D 86 2.24 -10.46 -22.17
C ALA D 86 1.51 -9.25 -22.82
N THR D 87 0.65 -9.50 -23.82
CA THR D 87 -0.08 -8.41 -24.48
C THR D 87 -1.12 -7.78 -23.54
N LEU D 88 -1.73 -8.56 -22.62
CA LEU D 88 -2.71 -8.01 -21.68
C LEU D 88 -2.03 -7.04 -20.71
N SER D 89 -0.79 -7.40 -20.26
CA SER D 89 0.02 -6.58 -19.38
C SER D 89 0.43 -5.31 -20.10
N GLU D 90 0.80 -5.41 -21.41
CA GLU D 90 1.16 -4.23 -22.19
C GLU D 90 0.00 -3.22 -22.24
N LEU D 91 -1.24 -3.70 -22.42
CA LEU D 91 -2.43 -2.87 -22.54
C LEU D 91 -2.68 -2.12 -21.22
N HIS D 92 -2.64 -2.84 -20.10
CA HIS D 92 -2.91 -2.26 -18.79
C HIS D 92 -1.86 -1.27 -18.34
N CYS D 93 -0.60 -1.54 -18.66
CA CYS D 93 0.49 -0.68 -18.26
CA CYS D 93 0.50 -0.63 -18.30
C CYS D 93 0.67 0.54 -19.24
N ASP D 94 0.94 0.28 -20.55
CA ASP D 94 1.19 1.32 -21.54
C ASP D 94 -0.02 2.12 -22.01
N LYS D 95 -1.17 1.48 -22.21
CA LYS D 95 -2.33 2.21 -22.71
C LYS D 95 -3.26 2.74 -21.62
N LEU D 96 -3.54 1.91 -20.60
CA LEU D 96 -4.50 2.24 -19.56
C LEU D 96 -3.92 2.95 -18.35
N HIS D 97 -2.62 2.78 -18.08
CA HIS D 97 -1.91 3.37 -16.93
C HIS D 97 -2.56 2.93 -15.60
N VAL D 98 -2.92 1.65 -15.50
CA VAL D 98 -3.52 1.11 -14.27
C VAL D 98 -2.40 0.82 -13.28
N ASP D 99 -2.41 1.48 -12.08
CA ASP D 99 -1.37 1.14 -11.10
C ASP D 99 -1.47 -0.34 -10.69
N PRO D 100 -0.33 -1.09 -10.64
CA PRO D 100 -0.40 -2.54 -10.31
C PRO D 100 -1.03 -2.92 -8.98
N GLU D 101 -1.08 -2.02 -7.97
CA GLU D 101 -1.72 -2.37 -6.72
C GLU D 101 -3.19 -2.76 -6.98
N ASN D 102 -3.83 -2.15 -7.99
CA ASN D 102 -5.22 -2.46 -8.31
C ASN D 102 -5.43 -3.90 -8.78
N PHE D 103 -4.41 -4.52 -9.41
CA PHE D 103 -4.55 -5.92 -9.84
C PHE D 103 -4.71 -6.82 -8.62
N ARG D 104 -3.95 -6.54 -7.51
CA ARG D 104 -4.03 -7.32 -6.28
C ARG D 104 -5.44 -7.14 -5.69
N LEU D 105 -5.93 -5.88 -5.70
CA LEU D 105 -7.28 -5.60 -5.18
C LEU D 105 -8.35 -6.39 -5.94
N LEU D 106 -8.30 -6.43 -7.31
CA LEU D 106 -9.29 -7.17 -8.06
C LEU D 106 -9.25 -8.68 -7.78
N GLY D 107 -8.05 -9.24 -7.69
CA GLY D 107 -7.86 -10.66 -7.36
C GLY D 107 -8.50 -11.00 -6.04
N ASN D 108 -8.31 -10.14 -5.03
CA ASN D 108 -8.90 -10.38 -3.71
C ASN D 108 -10.42 -10.18 -3.69
N VAL D 109 -10.93 -9.23 -4.50
CA VAL D 109 -12.38 -9.06 -4.62
C VAL D 109 -12.98 -10.33 -5.27
N LEU D 110 -12.30 -10.88 -6.31
CA LEU D 110 -12.77 -12.11 -6.94
C LEU D 110 -12.85 -13.23 -5.87
N VAL D 111 -11.84 -13.33 -4.99
CA VAL D 111 -11.84 -14.34 -3.92
C VAL D 111 -13.09 -14.12 -3.01
N CYS D 112 -13.38 -12.86 -2.65
CA CYS D 112 -14.58 -12.55 -1.85
C CYS D 112 -15.86 -13.01 -2.56
N VAL D 113 -15.95 -12.77 -3.89
CA VAL D 113 -17.12 -13.18 -4.69
C VAL D 113 -17.26 -14.70 -4.70
N LEU D 114 -16.14 -15.42 -4.88
CA LEU D 114 -16.17 -16.89 -4.85
C LEU D 114 -16.66 -17.39 -3.48
N ALA D 115 -16.21 -16.74 -2.39
CA ALA D 115 -16.67 -17.10 -1.04
C ALA D 115 -18.17 -16.79 -0.92
N HIS D 116 -18.60 -15.65 -1.48
CA HIS D 116 -20.01 -15.24 -1.43
C HIS D 116 -20.90 -16.25 -2.15
N HIS D 117 -20.46 -16.75 -3.32
CA HIS D 117 -21.26 -17.74 -4.06
C HIS D 117 -21.22 -19.14 -3.49
N PHE D 118 -20.04 -19.60 -3.01
CA PHE D 118 -19.88 -21.00 -2.61
C PHE D 118 -20.07 -21.31 -1.11
N GLY D 119 -20.13 -20.28 -0.27
CA GLY D 119 -20.34 -20.48 1.16
C GLY D 119 -19.30 -21.37 1.82
N LYS D 120 -19.74 -22.34 2.64
CA LYS D 120 -18.80 -23.24 3.35
C LYS D 120 -17.97 -24.11 2.41
N GLU D 121 -18.41 -24.28 1.12
CA GLU D 121 -17.65 -25.04 0.12
C GLU D 121 -16.37 -24.32 -0.29
N PHE D 122 -16.29 -23.01 -0.04
CA PHE D 122 -15.06 -22.25 -0.31
C PHE D 122 -14.23 -22.36 0.98
N THR D 123 -13.72 -23.55 1.22
CA THR D 123 -12.99 -23.91 2.44
C THR D 123 -11.65 -23.15 2.57
N PRO D 124 -11.04 -23.09 3.78
CA PRO D 124 -9.73 -22.43 3.88
C PRO D 124 -8.67 -23.07 2.93
N PRO D 125 -8.57 -24.42 2.69
CA PRO D 125 -7.57 -24.91 1.72
C PRO D 125 -7.90 -24.51 0.28
N VAL D 126 -9.19 -24.42 -0.08
CA VAL D 126 -9.61 -24.01 -1.43
C VAL D 126 -9.23 -22.53 -1.61
N GLN D 127 -9.51 -21.68 -0.59
CA GLN D 127 -9.09 -20.29 -0.64
C GLN D 127 -7.57 -20.16 -0.83
N ALA D 128 -6.78 -20.91 -0.04
CA ALA D 128 -5.32 -20.83 -0.12
C ALA D 128 -4.82 -21.08 -1.55
N ALA D 129 -5.42 -22.07 -2.22
CA ALA D 129 -5.07 -22.40 -3.60
C ALA D 129 -5.47 -21.25 -4.53
N TYR D 130 -6.69 -20.68 -4.36
CA TYR D 130 -7.11 -19.53 -5.15
C TYR D 130 -6.25 -18.29 -4.93
N GLN D 131 -5.70 -18.11 -3.69
CA GLN D 131 -4.81 -16.97 -3.42
C GLN D 131 -3.54 -17.08 -4.28
N LYS D 132 -3.01 -18.30 -4.45
CA LYS D 132 -1.81 -18.48 -5.29
C LYS D 132 -2.13 -18.12 -6.75
N VAL D 133 -3.30 -18.54 -7.23
CA VAL D 133 -3.77 -18.26 -8.59
C VAL D 133 -3.91 -16.75 -8.83
N VAL D 134 -4.65 -16.04 -7.95
CA VAL D 134 -4.89 -14.62 -8.17
C VAL D 134 -3.61 -13.78 -8.01
N ALA D 135 -2.67 -14.20 -7.14
CA ALA D 135 -1.39 -13.52 -6.98
C ALA D 135 -0.60 -13.70 -8.28
N GLY D 136 -0.66 -14.90 -8.86
CA GLY D 136 0.04 -15.22 -10.10
C GLY D 136 -0.48 -14.37 -11.24
N VAL D 137 -1.82 -14.26 -11.32
CA VAL D 137 -2.50 -13.43 -12.33
C VAL D 137 -2.09 -11.96 -12.17
N ALA D 138 -2.16 -11.42 -10.92
CA ALA D 138 -1.76 -10.04 -10.64
C ALA D 138 -0.31 -9.75 -11.04
N ASN D 139 0.63 -10.66 -10.67
CA ASN D 139 2.04 -10.51 -11.02
C ASN D 139 2.23 -10.53 -12.54
N ALA D 140 1.48 -11.41 -13.26
CA ALA D 140 1.57 -11.49 -14.72
C ALA D 140 1.02 -10.21 -15.36
N LEU D 141 -0.03 -9.62 -14.78
CA LEU D 141 -0.58 -8.39 -15.38
C LEU D 141 0.36 -7.20 -15.12
N ALA D 142 1.18 -7.27 -14.06
CA ALA D 142 2.12 -6.19 -13.70
C ALA D 142 3.51 -6.33 -14.34
N HIS D 143 3.84 -7.51 -14.88
CA HIS D 143 5.17 -7.83 -15.36
C HIS D 143 5.72 -6.86 -16.47
N LYS D 144 4.87 -6.30 -17.37
CA LYS D 144 5.38 -5.40 -18.39
C LYS D 144 5.71 -3.98 -17.88
N TYR D 145 5.51 -3.70 -16.56
CA TYR D 145 5.89 -2.41 -15.95
C TYR D 145 7.42 -2.30 -15.79
N HIS D 146 8.15 -3.44 -16.05
CA HIS D 146 9.62 -3.69 -16.06
C HIS D 146 9.99 -4.96 -15.28
#